data_5OVH
#
_entry.id   5OVH
#
_cell.length_a   41.413
_cell.length_b   85.362
_cell.length_c   176.221
_cell.angle_alpha   90.00
_cell.angle_beta   90.00
_cell.angle_gamma   90.00
#
_symmetry.space_group_name_H-M   'P 21 21 21'
#
loop_
_entity.id
_entity.type
_entity.pdbx_description
1 polymer 'Son of sevenless homolog 1'
2 non-polymer [2-[5-[(1~{R})-1-[(6,7-dimethoxy-2-methyl-5,8-dihydroquinazolin-4-yl)amino]ethyl]thiophen-2-yl]phenyl]methanol
3 non-polymer 1,2-ETHANEDIOL
4 water water
#
_entity_poly.entity_id   1
_entity_poly.type   'polypeptide(L)'
_entity_poly.pdbx_seq_one_letter_code
;GAMAEEQMRLPSADVYRFAEPDSEENIIFEENMQPKAGIPIIKAGTVIKLIERLTYHMYADPNFVRTFLTTYRSFCKPQE
LLSLIIERFEIPEPEPTEADRIAIENGDQPLSAELKRFRKEYIQPVQLRVLNVCRHWVEHHFYDFERDAYLLQRMEEFIG
TVRGKAMKKWVESITKIIQRKKIARDNGPGHNITFQSSPPTVEWHISRPGHIETFDLLTLHPIEIARQLTLLESDLYRAV
QPSELVGSVWTKEDKEINSPNLLKMIRHTTNLTLWFEKCIVETENLEERVAVVSRIIEILQVFQELNNFNGVLEVVSAMN
SSPVYRLDHTFEQIPSRQKKILEEAHELSEDHYKKYLAKLRSINPPCVPFFGIYLTNILKTEEGNPEVLKRHGKELINFS
KRRKVAEITGEIQQYQNQPYCLRVESDIKRFFENLNPMGNSMEKEFTDYLFNKSLEIEPRNPKPLPRFPKKYSYPLKSPG
VRPSNPRPGT
;
_entity_poly.pdbx_strand_id   A
#
# COMPACT_ATOMS: atom_id res chain seq x y z
N GLY A 1 22.06 32.53 35.44
CA GLY A 1 22.73 31.33 36.04
C GLY A 1 23.07 30.25 35.02
N ALA A 2 23.15 29.01 35.50
CA ALA A 2 23.53 27.86 34.65
C ALA A 2 22.48 27.48 33.60
N MET A 3 21.21 27.81 33.84
CA MET A 3 20.15 27.61 32.85
C MET A 3 20.32 28.57 31.68
N ALA A 4 20.58 29.85 31.99
CA ALA A 4 20.89 30.86 30.98
C ALA A 4 22.22 30.58 30.25
N GLU A 5 23.17 29.99 30.96
CA GLU A 5 24.47 29.62 30.37
C GLU A 5 24.34 28.59 29.24
N GLU A 6 23.40 27.66 29.36
CA GLU A 6 23.09 26.70 28.28
C GLU A 6 22.46 27.40 27.07
N GLN A 7 21.46 28.24 27.32
CA GLN A 7 20.73 28.97 26.25
C GLN A 7 21.61 30.02 25.56
N MET A 8 22.39 30.77 26.34
CA MET A 8 23.29 31.79 25.79
C MET A 8 24.50 31.19 25.06
N ARG A 9 24.87 29.95 25.39
CA ARG A 9 25.82 29.17 24.56
C ARG A 9 25.22 28.89 23.17
N LEU A 10 23.94 28.55 23.13
CA LEU A 10 23.19 28.43 21.86
C LEU A 10 22.96 29.80 21.21
N PRO A 11 22.63 29.82 19.89
CA PRO A 11 22.38 31.12 19.24
C PRO A 11 21.03 31.74 19.62
N SER A 12 20.94 33.06 19.49
CA SER A 12 19.71 33.80 19.82
C SER A 12 18.69 33.74 18.68
N ALA A 13 17.46 34.16 18.99
CA ALA A 13 16.33 34.10 18.06
C ALA A 13 16.45 35.01 16.82
N ASP A 14 17.19 36.11 16.95
CA ASP A 14 17.42 37.04 15.82
C ASP A 14 18.32 36.49 14.71
N VAL A 15 19.16 35.50 15.04
CA VAL A 15 20.10 34.88 14.08
C VAL A 15 19.78 33.43 13.69
N TYR A 16 18.89 32.76 14.44
CA TYR A 16 18.66 31.31 14.28
C TYR A 16 17.30 30.92 14.84
N ARG A 17 16.47 30.25 14.03
CA ARG A 17 15.08 29.95 14.38
C ARG A 17 14.87 28.61 15.09
N PHE A 18 15.88 27.74 15.10
CA PHE A 18 15.77 26.38 15.65
C PHE A 18 16.38 26.23 17.05
N ALA A 19 16.44 27.31 17.83
CA ALA A 19 17.00 27.29 19.19
C ALA A 19 16.14 28.03 20.23
N GLU A 20 14.85 28.23 19.94
CA GLU A 20 13.94 28.86 20.89
C GLU A 20 13.57 27.84 21.98
N PRO A 21 13.17 28.31 23.18
CA PRO A 21 12.96 27.37 24.29
C PRO A 21 11.80 26.39 24.05
N ASP A 22 11.95 25.18 24.59
CA ASP A 22 10.87 24.18 24.55
C ASP A 22 9.79 24.60 25.55
N SER A 23 8.54 24.63 25.07
CA SER A 23 7.42 25.13 25.87
C SER A 23 6.09 24.52 25.42
N GLU A 24 5.04 24.83 26.17
CA GLU A 24 3.68 24.36 25.85
C GLU A 24 3.05 25.06 24.62
N GLU A 25 3.68 26.13 24.13
CA GLU A 25 3.17 26.87 22.96
C GLU A 25 3.70 26.37 21.60
N ASN A 26 4.75 25.54 21.62
CA ASN A 26 5.39 25.06 20.37
C ASN A 26 5.69 23.55 20.23
N ILE A 27 5.63 22.78 21.32
CA ILE A 27 5.90 21.34 21.27
C ILE A 27 5.26 20.59 22.45
N ILE A 28 4.68 19.42 22.15
CA ILE A 28 4.00 18.59 23.16
C ILE A 28 4.48 17.14 23.02
N PHE A 29 4.82 16.51 24.15
CA PHE A 29 5.26 15.12 24.20
C PHE A 29 4.18 14.24 24.80
N GLU A 30 4.15 12.97 24.39
CA GLU A 30 3.22 11.98 24.96
C GLU A 30 3.60 11.63 26.39
N ALA A 37 11.07 6.52 31.60
CA ALA A 37 11.69 7.67 30.95
C ALA A 37 12.74 7.26 29.93
N GLY A 38 12.95 8.10 28.92
CA GLY A 38 13.92 7.84 27.86
C GLY A 38 13.76 8.81 26.71
N ILE A 39 13.62 8.27 25.49
CA ILE A 39 13.40 9.09 24.29
C ILE A 39 11.92 9.55 24.31
N PRO A 40 11.68 10.87 24.40
CA PRO A 40 10.30 11.36 24.48
C PRO A 40 9.60 11.31 23.11
N ILE A 41 8.35 10.82 23.11
CA ILE A 41 7.58 10.64 21.88
C ILE A 41 6.80 11.94 21.64
N ILE A 42 7.08 12.60 20.51
CA ILE A 42 6.50 13.91 20.20
C ILE A 42 5.04 13.78 19.72
N LYS A 43 4.11 14.32 20.49
CA LYS A 43 2.70 14.30 20.14
C LYS A 43 2.40 15.30 19.01
N ALA A 44 2.76 16.56 19.26
CA ALA A 44 2.49 17.63 18.31
C ALA A 44 3.49 18.78 18.46
N GLY A 45 3.47 19.67 17.47
CA GLY A 45 4.34 20.85 17.47
C GLY A 45 4.30 21.59 16.14
N THR A 46 4.92 22.76 16.10
CA THR A 46 5.12 23.50 14.85
C THR A 46 6.18 22.80 14.01
N VAL A 47 6.22 23.13 12.71
CA VAL A 47 7.19 22.50 11.80
C VAL A 47 8.65 22.79 12.18
N ILE A 48 8.90 23.99 12.71
CA ILE A 48 10.25 24.40 13.13
C ILE A 48 10.75 23.50 14.27
N LYS A 49 9.89 23.25 15.24
CA LYS A 49 10.24 22.43 16.41
C LYS A 49 10.34 20.94 16.05
N LEU A 50 9.53 20.49 15.09
CA LEU A 50 9.62 19.12 14.56
C LEU A 50 10.96 18.89 13.84
N ILE A 51 11.40 19.88 13.07
CA ILE A 51 12.70 19.83 12.38
C ILE A 51 13.84 19.80 13.40
N GLU A 52 13.77 20.65 14.42
CA GLU A 52 14.76 20.70 15.52
C GLU A 52 14.96 19.32 16.16
N ARG A 53 13.84 18.67 16.49
CA ARG A 53 13.86 17.33 17.09
C ARG A 53 14.26 16.24 16.10
N LEU A 54 13.94 16.42 14.82
CA LEU A 54 14.36 15.49 13.76
C LEU A 54 15.89 15.39 13.62
N THR A 55 16.59 16.46 14.00
CA THR A 55 18.05 16.50 13.98
C THR A 55 18.61 16.97 15.34
N TYR A 56 18.10 16.37 16.41
CA TYR A 56 18.44 16.80 17.77
C TYR A 56 19.87 16.38 18.15
N HIS A 57 20.57 17.25 18.86
CA HIS A 57 22.00 17.06 19.17
C HIS A 57 22.28 16.02 20.27
N MET A 58 21.40 15.91 21.25
CA MET A 58 21.62 15.04 22.41
C MET A 58 21.60 13.55 22.10
N TYR A 59 20.80 13.14 21.12
CA TYR A 59 20.65 11.71 20.79
C TYR A 59 20.05 11.48 19.41
N ALA A 60 20.29 10.28 18.88
CA ALA A 60 19.70 9.83 17.63
C ALA A 60 18.27 9.35 17.91
N ASP A 61 17.38 9.60 16.95
CA ASP A 61 15.96 9.25 17.08
C ASP A 61 15.51 8.54 15.79
N PRO A 62 15.95 7.29 15.59
CA PRO A 62 15.68 6.57 14.33
C PRO A 62 14.20 6.29 14.07
N ASN A 63 13.42 6.11 15.14
CA ASN A 63 11.96 5.99 15.04
C ASN A 63 11.30 7.25 14.48
N PHE A 64 11.72 8.40 14.99
CA PHE A 64 11.18 9.70 14.55
C PHE A 64 11.61 10.05 13.12
N VAL A 65 12.86 9.73 12.77
CA VAL A 65 13.38 9.96 11.41
C VAL A 65 12.60 9.16 10.37
N ARG A 66 12.43 7.87 10.63
CA ARG A 66 11.67 6.96 9.76
C ARG A 66 10.23 7.46 9.55
N THR A 67 9.57 7.75 10.65
CA THR A 67 8.17 8.17 10.65
C THR A 67 7.97 9.57 10.07
N PHE A 68 8.90 10.49 10.36
CA PHE A 68 8.83 11.85 9.81
C PHE A 68 8.92 11.82 8.28
N LEU A 69 9.97 11.19 7.77
CA LEU A 69 10.21 11.14 6.33
C LEU A 69 9.15 10.34 5.54
N THR A 70 8.54 9.35 6.19
CA THR A 70 7.39 8.63 5.61
C THR A 70 6.13 9.52 5.49
N THR A 71 5.93 10.43 6.44
CA THR A 71 4.66 11.15 6.59
C THR A 71 4.70 12.68 6.42
N TYR A 72 5.88 13.27 6.22
CA TYR A 72 6.04 14.73 6.25
C TYR A 72 5.24 15.47 5.16
N ARG A 73 4.94 14.80 4.05
CA ARG A 73 4.25 15.42 2.91
C ARG A 73 2.81 15.85 3.22
N SER A 74 2.22 15.25 4.27
CA SER A 74 0.90 15.64 4.76
C SER A 74 0.83 17.02 5.41
N PHE A 75 1.98 17.57 5.83
CA PHE A 75 2.05 18.92 6.40
C PHE A 75 3.18 19.84 5.88
N CYS A 76 4.00 19.37 4.94
CA CYS A 76 5.19 20.12 4.50
C CYS A 76 5.66 19.62 3.13
N LYS A 77 5.81 20.54 2.17
CA LYS A 77 6.32 20.18 0.84
C LYS A 77 7.78 19.72 0.92
N PRO A 78 8.21 18.85 -0.03
CA PRO A 78 9.62 18.45 -0.08
C PRO A 78 10.60 19.62 -0.24
N GLN A 79 10.23 20.61 -1.06
CA GLN A 79 11.01 21.84 -1.23
C GLN A 79 11.13 22.63 0.08
N GLU A 80 10.04 22.73 0.83
CA GLU A 80 10.04 23.37 2.14
C GLU A 80 10.92 22.61 3.14
N LEU A 81 10.84 21.28 3.13
CA LEU A 81 11.64 20.45 4.04
C LEU A 81 13.15 20.60 3.79
N LEU A 82 13.55 20.54 2.53
CA LEU A 82 14.97 20.63 2.16
C LEU A 82 15.59 21.95 2.60
N SER A 83 14.86 23.05 2.41
CA SER A 83 15.30 24.37 2.84
C SER A 83 15.46 24.48 4.36
N LEU A 84 14.50 23.92 5.10
CA LEU A 84 14.52 23.94 6.57
C LEU A 84 15.68 23.13 7.18
N ILE A 85 16.01 21.98 6.59
CA ILE A 85 17.17 21.19 7.06
C ILE A 85 18.52 21.83 6.71
N ILE A 86 18.57 22.55 5.58
CA ILE A 86 19.74 23.37 5.23
C ILE A 86 19.84 24.56 6.19
N GLU A 87 18.71 25.18 6.51
CA GLU A 87 18.66 26.27 7.49
C GLU A 87 19.10 25.80 8.89
N ARG A 88 18.67 24.61 9.28
CA ARG A 88 19.15 23.94 10.51
C ARG A 88 20.66 23.69 10.46
N PHE A 89 21.13 23.21 9.32
CA PHE A 89 22.56 22.89 9.09
C PHE A 89 23.47 24.11 9.24
N GLU A 90 23.06 25.24 8.67
CA GLU A 90 23.83 26.49 8.70
C GLU A 90 23.68 27.22 10.04
N ILE A 91 24.37 26.71 11.06
CA ILE A 91 24.34 27.27 12.41
C ILE A 91 25.28 28.49 12.44
N PRO A 92 24.81 29.64 12.99
CA PRO A 92 25.70 30.79 13.10
C PRO A 92 26.73 30.61 14.22
N GLU A 93 27.97 31.01 13.93
CA GLU A 93 29.11 30.75 14.80
C GLU A 93 29.37 31.92 15.74
N ALA A 113 37.62 28.80 23.53
CA ALA A 113 37.17 27.73 24.42
C ALA A 113 35.66 27.50 24.28
N GLU A 114 34.90 28.59 24.33
CA GLU A 114 33.45 28.54 24.11
C GLU A 114 33.12 28.15 22.66
N LEU A 115 33.82 28.78 21.71
CA LEU A 115 33.74 28.43 20.28
C LEU A 115 34.11 26.96 20.02
N LYS A 116 35.16 26.48 20.69
CA LYS A 116 35.62 25.10 20.53
C LYS A 116 34.62 24.09 21.14
N ARG A 117 34.05 24.44 22.29
CA ARG A 117 33.02 23.62 22.93
C ARG A 117 31.68 23.65 22.16
N PHE A 118 31.33 24.83 21.64
CA PHE A 118 30.12 25.00 20.82
C PHE A 118 30.21 24.19 19.52
N ARG A 119 31.39 24.19 18.90
CA ARG A 119 31.68 23.33 17.74
C ARG A 119 31.63 21.85 18.08
N LYS A 120 32.16 21.48 19.25
CA LYS A 120 32.19 20.10 19.75
C LYS A 120 30.77 19.54 20.00
N GLU A 121 30.00 20.25 20.81
CA GLU A 121 28.72 19.72 21.34
C GLU A 121 27.45 20.11 20.57
N TYR A 122 27.49 21.18 19.77
CA TYR A 122 26.29 21.67 19.06
C TYR A 122 26.40 21.64 17.54
N ILE A 123 27.40 22.30 16.96
CA ILE A 123 27.51 22.40 15.50
C ILE A 123 27.74 21.03 14.85
N GLN A 124 28.76 20.30 15.32
CA GLN A 124 29.15 19.03 14.70
C GLN A 124 28.06 17.95 14.80
N PRO A 125 27.46 17.74 15.99
CA PRO A 125 26.40 16.72 16.10
C PRO A 125 25.11 17.04 15.35
N VAL A 126 24.68 18.31 15.33
CA VAL A 126 23.49 18.72 14.55
C VAL A 126 23.73 18.53 13.06
N GLN A 127 24.91 18.94 12.59
CA GLN A 127 25.30 18.74 11.19
C GLN A 127 25.41 17.25 10.81
N LEU A 128 25.88 16.42 11.75
CA LEU A 128 25.87 14.95 11.57
C LEU A 128 24.44 14.38 11.49
N ARG A 129 23.53 14.91 12.31
CA ARG A 129 22.12 14.48 12.30
C ARG A 129 21.37 14.91 11.03
N VAL A 130 21.67 16.10 10.51
CA VAL A 130 21.06 16.58 9.25
C VAL A 130 21.43 15.68 8.07
N LEU A 131 22.70 15.29 7.98
CA LEU A 131 23.18 14.43 6.90
C LEU A 131 22.65 13.00 7.00
N ASN A 132 22.41 12.54 8.22
CA ASN A 132 21.71 11.26 8.46
C ASN A 132 20.28 11.30 7.92
N VAL A 133 19.60 12.44 8.11
CA VAL A 133 18.27 12.65 7.55
C VAL A 133 18.31 12.68 6.01
N CYS A 134 19.33 13.33 5.44
CA CYS A 134 19.55 13.31 3.99
C CYS A 134 19.82 11.91 3.45
N ARG A 135 20.65 11.15 4.17
CA ARG A 135 20.98 9.76 3.80
C ARG A 135 19.73 8.86 3.84
N HIS A 136 18.93 9.01 4.89
CA HIS A 136 17.66 8.31 5.01
C HIS A 136 16.68 8.74 3.90
N TRP A 137 16.61 10.06 3.65
CA TRP A 137 15.71 10.62 2.63
C TRP A 137 15.97 10.04 1.24
N VAL A 138 17.23 10.09 0.79
CA VAL A 138 17.58 9.58 -0.55
C VAL A 138 17.52 8.05 -0.66
N GLU A 139 17.87 7.34 0.40
CA GLU A 139 17.84 5.87 0.41
C GLU A 139 16.40 5.34 0.38
N HIS A 140 15.57 5.84 1.28
CA HIS A 140 14.22 5.30 1.49
C HIS A 140 13.08 6.04 0.77
N HIS A 141 13.33 7.28 0.33
CA HIS A 141 12.31 8.07 -0.36
C HIS A 141 12.87 8.83 -1.57
N PHE A 142 13.62 8.14 -2.42
CA PHE A 142 14.23 8.76 -3.61
C PHE A 142 13.20 9.31 -4.61
N TYR A 143 12.02 8.70 -4.65
CA TYR A 143 10.89 9.16 -5.50
C TYR A 143 10.58 10.65 -5.43
N ASP A 144 10.82 11.30 -4.29
CA ASP A 144 10.71 12.77 -4.21
C ASP A 144 11.68 13.43 -5.19
N PHE A 145 12.92 12.97 -5.16
CA PHE A 145 13.98 13.47 -6.03
C PHE A 145 13.81 12.99 -7.47
N GLU A 146 13.20 11.81 -7.63
CA GLU A 146 12.83 11.29 -8.95
C GLU A 146 11.66 12.08 -9.57
N ARG A 147 10.70 12.50 -8.74
CA ARG A 147 9.58 13.36 -9.18
C ARG A 147 10.08 14.74 -9.59
N ASP A 148 10.67 15.44 -8.63
CA ASP A 148 11.12 16.82 -8.80
C ASP A 148 12.61 16.81 -9.15
N ALA A 149 12.93 17.24 -10.37
CA ALA A 149 14.31 17.28 -10.85
C ALA A 149 15.13 18.37 -10.13
N TYR A 150 14.49 19.50 -9.87
CA TYR A 150 15.13 20.62 -9.15
C TYR A 150 15.51 20.26 -7.70
N LEU A 151 14.69 19.43 -7.05
CA LEU A 151 14.96 18.98 -5.68
C LEU A 151 16.24 18.12 -5.58
N LEU A 152 16.52 17.33 -6.61
CA LEU A 152 17.73 16.49 -6.64
C LEU A 152 19.00 17.33 -6.80
N GLN A 153 19.01 18.22 -7.79
CA GLN A 153 20.14 19.14 -8.01
C GLN A 153 20.32 20.16 -6.88
N ARG A 154 19.22 20.50 -6.18
CA ARG A 154 19.26 21.23 -4.91
C ARG A 154 20.01 20.43 -3.84
N MET A 155 19.63 19.17 -3.68
CA MET A 155 20.21 18.27 -2.66
C MET A 155 21.70 17.97 -2.90
N GLU A 156 22.06 17.72 -4.16
CA GLU A 156 23.46 17.46 -4.53
C GLU A 156 24.36 18.69 -4.35
N GLU A 157 23.85 19.87 -4.70
CA GLU A 157 24.59 21.13 -4.50
C GLU A 157 24.87 21.42 -3.02
N PHE A 158 23.90 21.15 -2.16
CA PHE A 158 24.07 21.27 -0.71
C PHE A 158 25.17 20.34 -0.21
N ILE A 159 25.09 19.07 -0.59
CA ILE A 159 26.08 18.06 -0.18
C ILE A 159 27.47 18.35 -0.77
N GLY A 160 27.50 18.96 -1.96
CA GLY A 160 28.75 19.43 -2.56
C GLY A 160 29.49 20.44 -1.70
N THR A 161 28.76 21.40 -1.13
CA THR A 161 29.34 22.44 -0.27
C THR A 161 29.31 22.03 1.21
N VAL A 162 30.11 21.02 1.55
CA VAL A 162 30.28 20.54 2.93
C VAL A 162 31.74 20.17 3.17
N ARG A 163 32.41 20.93 4.05
CA ARG A 163 33.82 20.73 4.36
C ARG A 163 33.97 20.41 5.85
N GLY A 164 34.62 19.28 6.16
CA GLY A 164 34.77 18.85 7.55
C GLY A 164 35.59 17.58 7.73
N LYS A 165 35.88 17.24 8.98
CA LYS A 165 36.70 16.07 9.32
C LYS A 165 35.86 14.79 9.23
N ALA A 166 34.85 14.68 10.08
CA ALA A 166 33.96 13.51 10.11
C ALA A 166 32.85 13.59 9.04
N MET A 167 32.69 14.76 8.43
CA MET A 167 31.61 15.02 7.47
C MET A 167 31.87 14.44 6.08
N LYS A 168 33.13 14.07 5.79
CA LYS A 168 33.54 13.63 4.46
C LYS A 168 32.98 12.25 4.07
N LYS A 169 33.00 11.29 5.00
CA LYS A 169 32.47 9.94 4.74
C LYS A 169 30.93 9.89 4.64
N TRP A 170 30.24 10.82 5.30
CA TRP A 170 28.79 10.98 5.12
C TRP A 170 28.47 11.50 3.71
N VAL A 171 29.26 12.45 3.21
CA VAL A 171 29.11 12.95 1.84
C VAL A 171 29.32 11.83 0.81
N GLU A 172 30.34 10.99 1.04
CA GLU A 172 30.59 9.82 0.18
C GLU A 172 29.49 8.76 0.29
N SER A 173 29.00 8.51 1.50
CA SER A 173 27.94 7.52 1.73
C SER A 173 26.59 7.92 1.12
N ILE A 174 26.27 9.22 1.15
CA ILE A 174 25.02 9.73 0.56
C ILE A 174 25.11 9.76 -0.97
N THR A 175 26.23 10.27 -1.50
CA THR A 175 26.45 10.30 -2.96
C THR A 175 26.62 8.90 -3.57
N LYS A 176 27.08 7.94 -2.78
CA LYS A 176 27.06 6.51 -3.16
C LYS A 176 25.62 6.06 -3.45
N ILE A 177 24.69 6.39 -2.55
CA ILE A 177 23.29 5.98 -2.68
C ILE A 177 22.58 6.73 -3.80
N ILE A 178 22.90 8.01 -3.99
CA ILE A 178 22.33 8.80 -5.10
C ILE A 178 22.69 8.17 -6.46
N GLN A 179 23.91 7.64 -6.58
CA GLN A 179 24.33 6.91 -7.79
C GLN A 179 23.59 5.58 -7.98
N ARG A 180 23.38 4.85 -6.88
CA ARG A 180 22.59 3.60 -6.92
C ARG A 180 21.16 3.80 -7.42
N LYS A 181 20.52 4.89 -6.98
CA LYS A 181 19.16 5.24 -7.42
C LYS A 181 19.16 5.87 -8.83
N LYS A 182 20.30 6.42 -9.24
CA LYS A 182 20.46 6.95 -10.61
C LYS A 182 20.41 5.82 -11.64
N ILE A 183 21.19 4.76 -11.39
CA ILE A 183 21.21 3.57 -12.25
C ILE A 183 19.92 2.73 -12.16
N ALA A 184 19.30 2.72 -10.97
CA ALA A 184 18.02 2.04 -10.75
C ALA A 184 16.85 2.69 -11.49
N ARG A 185 16.97 3.98 -11.82
CA ARG A 185 15.96 4.71 -12.61
C ARG A 185 15.73 4.04 -13.97
N ASP A 186 16.82 3.78 -14.68
CA ASP A 186 16.80 3.02 -15.93
C ASP A 186 18.07 2.18 -16.06
N ILE A 193 14.29 -13.66 -12.10
CA ILE A 193 13.73 -14.36 -10.93
C ILE A 193 14.50 -15.66 -10.66
N THR A 194 14.66 -16.00 -9.39
CA THR A 194 15.31 -17.25 -8.96
C THR A 194 14.47 -17.95 -7.90
N PHE A 195 14.35 -19.27 -8.03
CA PHE A 195 13.54 -20.09 -7.12
C PHE A 195 14.44 -20.88 -6.17
N GLN A 196 13.99 -21.01 -4.92
CA GLN A 196 14.68 -21.82 -3.92
C GLN A 196 14.34 -23.30 -4.16
N SER A 197 13.05 -23.60 -4.18
CA SER A 197 12.54 -24.94 -4.47
C SER A 197 12.12 -25.05 -5.93
N SER A 198 11.76 -26.26 -6.36
CA SER A 198 11.30 -26.50 -7.72
C SER A 198 9.82 -26.12 -7.84
N PRO A 199 9.49 -25.12 -8.67
CA PRO A 199 8.09 -24.69 -8.78
C PRO A 199 7.25 -25.69 -9.59
N PRO A 200 5.94 -25.84 -9.25
CA PRO A 200 5.11 -26.84 -9.92
C PRO A 200 4.81 -26.53 -11.39
N THR A 201 4.37 -27.55 -12.11
CA THR A 201 4.08 -27.44 -13.54
C THR A 201 2.87 -26.53 -13.78
N VAL A 202 3.03 -25.58 -14.71
CA VAL A 202 1.95 -24.68 -15.12
C VAL A 202 0.82 -25.54 -15.71
N GLU A 203 -0.40 -25.38 -15.18
CA GLU A 203 -1.53 -26.22 -15.57
C GLU A 203 -2.46 -25.54 -16.59
N TRP A 204 -2.87 -26.32 -17.58
CA TRP A 204 -3.76 -25.88 -18.65
C TRP A 204 -4.99 -26.75 -18.66
N HIS A 205 -6.04 -26.25 -19.32
CA HIS A 205 -7.35 -26.92 -19.35
C HIS A 205 -7.89 -27.00 -20.80
N ILE A 206 -8.70 -26.04 -21.24
CA ILE A 206 -9.27 -26.06 -22.58
C ILE A 206 -8.33 -25.29 -23.52
N SER A 207 -8.10 -24.03 -23.19
CA SER A 207 -7.13 -23.21 -23.92
C SER A 207 -5.73 -23.83 -23.81
N ARG A 208 -5.04 -23.94 -24.93
CA ARG A 208 -3.68 -24.49 -24.94
C ARG A 208 -2.65 -23.35 -24.99
N PRO A 209 -1.40 -23.61 -24.55
CA PRO A 209 -0.35 -22.58 -24.57
C PRO A 209 -0.25 -21.85 -25.92
N GLY A 210 -0.41 -20.53 -25.88
CA GLY A 210 -0.34 -19.70 -27.08
C GLY A 210 -1.68 -19.21 -27.59
N HIS A 211 -2.74 -19.98 -27.38
CA HIS A 211 -4.07 -19.64 -27.89
C HIS A 211 -4.73 -18.58 -26.99
N ILE A 212 -4.19 -17.36 -27.04
CA ILE A 212 -4.63 -16.27 -26.16
C ILE A 212 -6.02 -15.71 -26.49
N GLU A 213 -6.48 -15.94 -27.71
CA GLU A 213 -7.82 -15.52 -28.14
C GLU A 213 -8.93 -16.34 -27.45
N THR A 214 -8.62 -17.57 -27.06
CA THR A 214 -9.55 -18.45 -26.35
C THR A 214 -9.50 -18.32 -24.82
N PHE A 215 -8.54 -17.55 -24.28
CA PHE A 215 -8.36 -17.38 -22.82
C PHE A 215 -9.61 -16.77 -22.20
N ASP A 216 -10.15 -17.44 -21.19
CA ASP A 216 -11.32 -16.96 -20.46
C ASP A 216 -11.46 -17.68 -19.12
N LEU A 217 -12.45 -17.25 -18.33
CA LEU A 217 -12.70 -17.78 -16.98
C LEU A 217 -12.76 -19.31 -16.96
N LEU A 218 -13.59 -19.88 -17.84
CA LEU A 218 -13.83 -21.33 -17.87
C LEU A 218 -12.87 -22.12 -18.78
N THR A 219 -12.13 -21.44 -19.65
CA THR A 219 -11.20 -22.09 -20.60
C THR A 219 -9.78 -22.23 -20.05
N LEU A 220 -9.33 -21.25 -19.25
CA LEU A 220 -8.10 -21.39 -18.48
C LEU A 220 -8.29 -22.36 -17.31
N HIS A 221 -7.20 -22.89 -16.78
CA HIS A 221 -7.27 -23.83 -15.66
C HIS A 221 -7.47 -23.04 -14.35
N PRO A 222 -8.44 -23.44 -13.50
CA PRO A 222 -8.71 -22.66 -12.27
C PRO A 222 -7.50 -22.52 -11.35
N ILE A 223 -6.81 -23.63 -11.10
CA ILE A 223 -5.53 -23.62 -10.36
C ILE A 223 -4.61 -22.53 -10.91
N GLU A 224 -4.40 -22.53 -12.22
CA GLU A 224 -3.47 -21.58 -12.84
C GLU A 224 -3.96 -20.13 -12.83
N ILE A 225 -5.28 -19.93 -12.87
CA ILE A 225 -5.86 -18.59 -12.70
C ILE A 225 -5.51 -18.03 -11.32
N ALA A 226 -5.61 -18.87 -10.29
CA ALA A 226 -5.31 -18.47 -8.92
C ALA A 226 -3.81 -18.18 -8.70
N ARG A 227 -2.96 -19.03 -9.26
CA ARG A 227 -1.50 -18.84 -9.20
C ARG A 227 -1.06 -17.55 -9.87
N GLN A 228 -1.54 -17.32 -11.09
CA GLN A 228 -1.16 -16.13 -11.85
C GLN A 228 -1.74 -14.83 -11.25
N LEU A 229 -2.94 -14.88 -10.68
CA LEU A 229 -3.50 -13.72 -9.96
C LEU A 229 -2.74 -13.42 -8.67
N THR A 230 -2.38 -14.48 -7.92
CA THR A 230 -1.57 -14.36 -6.70
C THR A 230 -0.20 -13.75 -6.96
N LEU A 231 0.48 -14.24 -8.01
CA LEU A 231 1.78 -13.66 -8.43
C LEU A 231 1.63 -12.20 -8.81
N LEU A 232 0.59 -11.88 -9.58
CA LEU A 232 0.29 -10.50 -9.97
C LEU A 232 0.01 -9.65 -8.72
N GLU A 233 -0.90 -10.10 -7.87
CA GLU A 233 -1.26 -9.35 -6.65
C GLU A 233 -0.12 -9.22 -5.64
N SER A 234 0.67 -10.28 -5.49
CA SER A 234 1.88 -10.23 -4.65
C SER A 234 2.79 -9.10 -5.11
N ASP A 235 3.12 -9.09 -6.41
CA ASP A 235 3.91 -8.00 -6.99
C ASP A 235 3.28 -6.63 -6.75
N LEU A 236 1.95 -6.53 -6.91
CA LEU A 236 1.24 -5.27 -6.64
C LEU A 236 1.28 -4.88 -5.16
N TYR A 237 1.08 -5.85 -4.26
CA TYR A 237 1.21 -5.60 -2.81
C TYR A 237 2.61 -5.09 -2.44
N ARG A 238 3.64 -5.69 -3.02
CA ARG A 238 5.04 -5.35 -2.71
C ARG A 238 5.49 -3.97 -3.23
N ALA A 239 4.89 -3.52 -4.34
CA ALA A 239 5.24 -2.22 -4.93
C ALA A 239 4.71 -0.98 -4.18
N VAL A 240 3.71 -1.16 -3.31
CA VAL A 240 3.10 -0.04 -2.60
C VAL A 240 4.04 0.51 -1.53
N GLN A 241 4.31 1.82 -1.58
CA GLN A 241 5.15 2.51 -0.60
C GLN A 241 4.30 3.21 0.46
N PRO A 242 4.81 3.33 1.71
CA PRO A 242 4.13 4.01 2.82
C PRO A 242 3.57 5.41 2.54
N SER A 243 4.32 6.25 1.85
CA SER A 243 3.92 7.64 1.59
C SER A 243 2.69 7.78 0.69
N GLU A 244 2.48 6.79 -0.17
CA GLU A 244 1.30 6.74 -1.04
C GLU A 244 -0.03 6.67 -0.25
N LEU A 245 0.03 6.15 0.97
CA LEU A 245 -1.14 5.98 1.85
C LEU A 245 -1.37 7.14 2.85
N VAL A 246 -0.41 8.05 2.99
CA VAL A 246 -0.49 9.11 4.01
C VAL A 246 -1.35 10.28 3.54
N GLY A 247 -2.17 10.81 4.45
CA GLY A 247 -2.99 12.00 4.20
C GLY A 247 -4.10 11.86 3.17
N SER A 248 -4.53 10.63 2.90
CA SER A 248 -5.51 10.33 1.85
C SER A 248 -5.14 10.89 0.47
N VAL A 249 -3.84 10.89 0.16
CA VAL A 249 -3.32 11.50 -1.08
C VAL A 249 -3.68 10.74 -2.37
N TRP A 250 -4.15 9.50 -2.24
CA TRP A 250 -4.68 8.75 -3.39
C TRP A 250 -6.08 9.22 -3.83
N THR A 251 -6.77 9.99 -2.99
CA THR A 251 -8.03 10.67 -3.34
C THR A 251 -7.86 12.20 -3.33
N LYS A 252 -6.89 12.69 -4.10
CA LYS A 252 -6.62 14.12 -4.27
C LYS A 252 -6.40 14.46 -5.74
N GLU A 253 -6.26 15.76 -6.03
CA GLU A 253 -5.95 16.23 -7.39
C GLU A 253 -4.64 15.65 -7.92
N ASP A 254 -3.64 15.54 -7.04
CA ASP A 254 -2.38 14.87 -7.34
C ASP A 254 -2.38 13.47 -6.71
N LYS A 255 -2.99 12.51 -7.42
CA LYS A 255 -3.05 11.11 -6.99
C LYS A 255 -2.16 10.18 -7.83
N GLU A 256 -2.06 10.45 -9.13
CA GLU A 256 -1.36 9.55 -10.06
C GLU A 256 0.16 9.49 -9.83
N ILE A 257 0.76 10.62 -9.45
CA ILE A 257 2.22 10.67 -9.18
C ILE A 257 2.50 10.35 -7.70
N ASN A 258 1.62 10.81 -6.79
CA ASN A 258 1.79 10.53 -5.36
C ASN A 258 1.48 9.10 -4.94
N SER A 259 0.56 8.43 -5.64
CA SER A 259 0.10 7.09 -5.25
C SER A 259 -0.11 6.13 -6.44
N PRO A 260 0.92 5.93 -7.27
CA PRO A 260 0.77 5.11 -8.48
C PRO A 260 0.57 3.60 -8.21
N ASN A 261 1.40 3.04 -7.34
CA ASN A 261 1.33 1.60 -7.03
C ASN A 261 0.06 1.24 -6.27
N LEU A 262 -0.29 2.08 -5.30
CA LEU A 262 -1.56 1.99 -4.58
C LEU A 262 -2.76 2.00 -5.53
N LEU A 263 -2.78 2.95 -6.46
CA LEU A 263 -3.86 3.05 -7.45
C LEU A 263 -3.92 1.84 -8.38
N LYS A 264 -2.77 1.30 -8.75
CA LYS A 264 -2.71 0.05 -9.53
C LYS A 264 -3.33 -1.13 -8.76
N MET A 265 -3.10 -1.21 -7.45
CA MET A 265 -3.66 -2.26 -6.59
C MET A 265 -5.18 -2.13 -6.49
N ILE A 266 -5.65 -0.92 -6.16
CA ILE A 266 -7.09 -0.62 -6.06
C ILE A 266 -7.81 -0.88 -7.39
N ARG A 267 -7.19 -0.49 -8.50
CA ARG A 267 -7.79 -0.64 -9.83
C ARG A 267 -7.84 -2.09 -10.29
N HIS A 268 -6.78 -2.85 -9.99
CA HIS A 268 -6.78 -4.31 -10.20
C HIS A 268 -7.97 -4.98 -9.50
N THR A 269 -8.12 -4.69 -8.21
CA THR A 269 -9.19 -5.25 -7.39
C THR A 269 -10.57 -4.90 -7.98
N THR A 270 -10.76 -3.61 -8.28
CA THR A 270 -11.96 -3.15 -8.97
C THR A 270 -12.21 -3.95 -10.26
N ASN A 271 -11.17 -4.07 -11.09
CA ASN A 271 -11.31 -4.76 -12.39
C ASN A 271 -11.56 -6.28 -12.29
N LEU A 272 -10.85 -6.96 -11.39
CA LEU A 272 -11.08 -8.39 -11.17
C LEU A 272 -12.45 -8.66 -10.55
N THR A 273 -12.84 -7.87 -9.55
CA THR A 273 -14.14 -8.03 -8.88
C THR A 273 -15.32 -7.82 -9.84
N LEU A 274 -15.28 -6.76 -10.64
CA LEU A 274 -16.34 -6.48 -11.62
C LEU A 274 -16.33 -7.48 -12.78
N TRP A 275 -15.14 -7.96 -13.16
CA TRP A 275 -15.03 -9.03 -14.14
C TRP A 275 -15.68 -10.33 -13.66
N PHE A 276 -15.49 -10.70 -12.38
CA PHE A 276 -16.17 -11.87 -11.81
C PHE A 276 -17.69 -11.72 -11.89
N GLU A 277 -18.17 -10.54 -11.50
CA GLU A 277 -19.60 -10.23 -11.54
C GLU A 277 -20.18 -10.26 -12.96
N LYS A 278 -19.42 -9.72 -13.91
CA LYS A 278 -19.80 -9.70 -15.32
C LYS A 278 -19.89 -11.12 -15.89
N CYS A 279 -18.87 -11.93 -15.62
CA CYS A 279 -18.87 -13.35 -16.01
C CYS A 279 -20.13 -14.08 -15.55
N ILE A 280 -20.57 -13.78 -14.33
CA ILE A 280 -21.74 -14.42 -13.73
C ILE A 280 -23.03 -13.91 -14.40
N VAL A 281 -23.28 -12.61 -14.32
CA VAL A 281 -24.58 -12.07 -14.75
C VAL A 281 -24.80 -12.08 -16.27
N GLU A 282 -23.73 -12.03 -17.07
CA GLU A 282 -23.85 -12.19 -18.54
C GLU A 282 -23.99 -13.64 -19.01
N THR A 283 -23.78 -14.61 -18.10
CA THR A 283 -24.17 -16.00 -18.33
C THR A 283 -25.64 -16.16 -17.94
N GLU A 284 -26.52 -16.04 -18.94
CA GLU A 284 -27.97 -15.97 -18.70
C GLU A 284 -28.61 -17.34 -18.48
N ASN A 285 -28.06 -18.39 -19.08
CA ASN A 285 -28.52 -19.75 -18.79
C ASN A 285 -28.14 -20.10 -17.34
N LEU A 286 -29.11 -20.60 -16.58
CA LEU A 286 -28.93 -20.92 -15.16
C LEU A 286 -27.81 -21.92 -14.92
N GLU A 287 -27.88 -23.06 -15.60
CA GLU A 287 -26.91 -24.16 -15.39
C GLU A 287 -25.49 -23.77 -15.79
N GLU A 288 -25.35 -22.90 -16.79
CA GLU A 288 -24.05 -22.35 -17.16
C GLU A 288 -23.55 -21.36 -16.12
N ARG A 289 -24.46 -20.55 -15.57
CA ARG A 289 -24.11 -19.57 -14.53
C ARG A 289 -23.67 -20.26 -13.23
N VAL A 290 -24.34 -21.35 -12.89
CA VAL A 290 -23.96 -22.21 -11.75
C VAL A 290 -22.53 -22.70 -11.93
N ALA A 291 -22.18 -23.15 -13.14
CA ALA A 291 -20.81 -23.58 -13.47
C ALA A 291 -19.79 -22.46 -13.38
N VAL A 292 -20.15 -21.25 -13.81
CA VAL A 292 -19.30 -20.07 -13.69
C VAL A 292 -19.02 -19.73 -12.21
N VAL A 293 -20.09 -19.68 -11.41
CA VAL A 293 -19.97 -19.37 -9.98
C VAL A 293 -19.12 -20.43 -9.26
N SER A 294 -19.42 -21.70 -9.52
CA SER A 294 -18.69 -22.82 -8.94
C SER A 294 -17.19 -22.73 -9.28
N ARG A 295 -16.87 -22.31 -10.50
CA ARG A 295 -15.48 -22.17 -10.95
C ARG A 295 -14.76 -21.06 -10.21
N ILE A 296 -15.45 -19.95 -9.98
CA ILE A 296 -14.91 -18.83 -9.18
C ILE A 296 -14.72 -19.23 -7.72
N ILE A 297 -15.58 -20.09 -7.20
CA ILE A 297 -15.39 -20.64 -5.85
C ILE A 297 -14.13 -21.52 -5.83
N GLU A 298 -13.90 -22.28 -6.88
CA GLU A 298 -12.66 -23.07 -6.98
C GLU A 298 -11.40 -22.20 -7.04
N ILE A 299 -11.48 -21.08 -7.76
CA ILE A 299 -10.40 -20.10 -7.79
C ILE A 299 -10.10 -19.60 -6.37
N LEU A 300 -11.16 -19.29 -5.62
CA LEU A 300 -11.03 -18.90 -4.21
C LEU A 300 -10.37 -20.00 -3.37
N GLN A 301 -10.76 -21.26 -3.60
CA GLN A 301 -10.19 -22.40 -2.88
C GLN A 301 -8.67 -22.48 -3.05
N VAL A 302 -8.17 -22.14 -4.23
CA VAL A 302 -6.74 -22.20 -4.51
C VAL A 302 -6.06 -20.97 -3.92
N PHE A 303 -6.70 -19.80 -3.97
CA PHE A 303 -6.26 -18.61 -3.22
C PHE A 303 -6.06 -18.94 -1.73
N GLN A 304 -6.97 -19.71 -1.15
CA GLN A 304 -6.87 -20.14 0.25
C GLN A 304 -5.63 -20.99 0.49
N GLU A 305 -5.40 -21.98 -0.38
CA GLU A 305 -4.18 -22.81 -0.33
C GLU A 305 -2.88 -22.01 -0.44
N LEU A 306 -2.90 -20.95 -1.27
CA LEU A 306 -1.75 -20.06 -1.45
C LEU A 306 -1.60 -18.97 -0.38
N ASN A 307 -2.56 -18.88 0.54
CA ASN A 307 -2.67 -17.76 1.50
C ASN A 307 -2.69 -16.36 0.83
N ASN A 308 -3.31 -16.27 -0.34
CA ASN A 308 -3.62 -14.99 -0.96
C ASN A 308 -4.99 -14.56 -0.43
N PHE A 309 -4.95 -13.79 0.65
CA PHE A 309 -6.17 -13.35 1.31
C PHE A 309 -6.82 -12.19 0.55
N ASN A 310 -6.00 -11.41 -0.15
CA ASN A 310 -6.48 -10.39 -1.09
C ASN A 310 -7.44 -10.99 -2.11
N GLY A 311 -7.06 -12.13 -2.68
CA GLY A 311 -7.84 -12.86 -3.66
C GLY A 311 -9.13 -13.46 -3.13
N VAL A 312 -9.07 -14.06 -1.94
CA VAL A 312 -10.23 -14.64 -1.27
C VAL A 312 -11.33 -13.58 -1.13
N LEU A 313 -10.95 -12.43 -0.58
CA LEU A 313 -11.91 -11.35 -0.31
C LEU A 313 -12.35 -10.55 -1.56
N GLU A 314 -11.62 -10.67 -2.67
CA GLU A 314 -12.10 -10.19 -3.98
C GLU A 314 -13.26 -11.06 -4.49
N VAL A 315 -13.12 -12.38 -4.33
CA VAL A 315 -14.17 -13.33 -4.70
C VAL A 315 -15.39 -13.10 -3.80
N VAL A 316 -15.14 -12.95 -2.50
CA VAL A 316 -16.21 -12.68 -1.51
C VAL A 316 -16.95 -11.39 -1.85
N SER A 317 -16.21 -10.36 -2.20
CA SER A 317 -16.81 -9.08 -2.62
C SER A 317 -17.69 -9.27 -3.86
N ALA A 318 -17.18 -9.97 -4.87
CA ALA A 318 -17.95 -10.27 -6.09
C ALA A 318 -19.24 -11.06 -5.81
N MET A 319 -19.15 -12.04 -4.92
CA MET A 319 -20.29 -12.88 -4.55
C MET A 319 -21.31 -12.15 -3.66
N ASN A 320 -20.85 -11.16 -2.90
CA ASN A 320 -21.72 -10.31 -2.06
C ASN A 320 -22.28 -9.07 -2.76
N SER A 321 -21.77 -8.74 -3.95
CA SER A 321 -22.24 -7.56 -4.68
C SER A 321 -23.73 -7.64 -4.99
N SER A 322 -24.34 -6.49 -5.23
CA SER A 322 -25.79 -6.40 -5.47
C SER A 322 -26.33 -7.30 -6.60
N PRO A 323 -25.60 -7.42 -7.73
CA PRO A 323 -26.09 -8.28 -8.82
C PRO A 323 -26.00 -9.78 -8.55
N VAL A 324 -24.92 -10.23 -7.89
CA VAL A 324 -24.67 -11.66 -7.68
C VAL A 324 -25.40 -12.20 -6.45
N TYR A 325 -25.31 -11.49 -5.33
CA TYR A 325 -25.85 -11.99 -4.05
C TYR A 325 -27.34 -12.35 -4.09
N ARG A 326 -28.12 -11.60 -4.87
CA ARG A 326 -29.57 -11.83 -5.01
C ARG A 326 -29.96 -12.99 -5.94
N LEU A 327 -28.99 -13.67 -6.58
CA LEU A 327 -29.30 -14.78 -7.50
C LEU A 327 -29.52 -16.09 -6.73
N ASP A 328 -30.70 -16.19 -6.11
CA ASP A 328 -31.06 -17.30 -5.22
C ASP A 328 -31.12 -18.65 -5.95
N HIS A 329 -31.55 -18.64 -7.21
CA HIS A 329 -31.62 -19.87 -8.01
C HIS A 329 -30.22 -20.40 -8.35
N THR A 330 -29.26 -19.51 -8.54
CA THR A 330 -27.86 -19.91 -8.78
C THR A 330 -27.25 -20.52 -7.52
N PHE A 331 -27.42 -19.85 -6.39
CA PHE A 331 -27.01 -20.32 -5.06
C PHE A 331 -27.50 -21.75 -4.77
N GLU A 332 -28.75 -22.02 -5.11
CA GLU A 332 -29.40 -23.30 -4.84
C GLU A 332 -28.63 -24.50 -5.40
N GLN A 333 -28.18 -24.38 -6.64
CA GLN A 333 -27.45 -25.45 -7.32
C GLN A 333 -25.95 -25.57 -7.01
N ILE A 334 -25.39 -24.63 -6.23
CA ILE A 334 -23.99 -24.73 -5.78
C ILE A 334 -23.90 -25.89 -4.77
N PRO A 335 -22.95 -26.84 -4.99
CA PRO A 335 -22.76 -27.92 -4.00
C PRO A 335 -22.58 -27.41 -2.57
N SER A 336 -23.15 -28.12 -1.62
CA SER A 336 -23.09 -27.77 -0.20
C SER A 336 -21.69 -27.46 0.32
N ARG A 337 -20.70 -28.25 -0.09
CA ARG A 337 -19.31 -28.01 0.35
C ARG A 337 -18.73 -26.70 -0.19
N GLN A 338 -19.07 -26.35 -1.43
CA GLN A 338 -18.72 -25.03 -2.00
C GLN A 338 -19.48 -23.90 -1.30
N LYS A 339 -20.77 -24.10 -1.03
CA LYS A 339 -21.56 -23.16 -0.21
C LYS A 339 -20.85 -22.82 1.10
N LYS A 340 -20.45 -23.87 1.82
CA LYS A 340 -19.74 -23.73 3.10
C LYS A 340 -18.43 -22.95 2.95
N ILE A 341 -17.68 -23.22 1.90
CA ILE A 341 -16.43 -22.50 1.63
C ILE A 341 -16.67 -20.99 1.46
N LEU A 342 -17.71 -20.61 0.71
CA LEU A 342 -18.07 -19.19 0.57
C LEU A 342 -18.56 -18.57 1.87
N GLU A 343 -19.41 -19.32 2.58
CA GLU A 343 -19.95 -18.87 3.86
C GLU A 343 -18.87 -18.70 4.93
N GLU A 344 -17.91 -19.63 4.96
CA GLU A 344 -16.75 -19.52 5.86
C GLU A 344 -15.80 -18.38 5.45
N ALA A 345 -15.66 -18.16 4.14
CA ALA A 345 -14.86 -17.04 3.62
C ALA A 345 -15.44 -15.67 3.97
N HIS A 346 -16.78 -15.54 3.90
CA HIS A 346 -17.45 -14.31 4.33
C HIS A 346 -17.18 -14.00 5.79
N GLU A 347 -17.30 -15.05 6.61
CA GLU A 347 -17.16 -14.94 8.07
C GLU A 347 -15.80 -14.43 8.53
N LEU A 348 -14.77 -14.54 7.68
CA LEU A 348 -13.48 -13.87 7.90
C LEU A 348 -13.63 -12.38 8.17
N SER A 349 -14.55 -11.72 7.46
CA SER A 349 -14.78 -10.28 7.57
C SER A 349 -15.59 -9.82 8.80
N GLU A 350 -16.38 -10.72 9.39
CA GLU A 350 -17.28 -10.36 10.52
C GLU A 350 -16.51 -9.93 11.76
N ASP A 351 -17.14 -9.08 12.58
CA ASP A 351 -16.57 -8.57 13.82
C ASP A 351 -15.20 -7.92 13.59
N HIS A 352 -15.19 -6.94 12.68
CA HIS A 352 -13.98 -6.16 12.34
C HIS A 352 -12.80 -7.04 11.94
N TYR A 353 -13.08 -8.01 11.06
CA TYR A 353 -12.09 -8.94 10.52
C TYR A 353 -11.35 -9.80 11.58
N LYS A 354 -12.05 -10.16 12.65
CA LYS A 354 -11.44 -10.96 13.75
C LYS A 354 -10.82 -12.25 13.26
N LYS A 355 -11.61 -13.07 12.57
CA LYS A 355 -11.16 -14.38 12.07
C LYS A 355 -10.11 -14.26 10.96
N TYR A 356 -10.24 -13.23 10.11
CA TYR A 356 -9.21 -12.94 9.12
C TYR A 356 -7.86 -12.64 9.78
N LEU A 357 -7.86 -11.72 10.74
CA LEU A 357 -6.64 -11.33 11.47
C LEU A 357 -6.02 -12.52 12.24
N ALA A 358 -6.85 -13.38 12.83
CA ALA A 358 -6.35 -14.58 13.51
C ALA A 358 -5.79 -15.60 12.49
N LYS A 359 -6.42 -15.69 11.33
CA LYS A 359 -5.93 -16.56 10.25
C LYS A 359 -4.59 -16.05 9.71
N LEU A 360 -4.44 -14.72 9.57
CA LEU A 360 -3.22 -14.12 9.04
C LEU A 360 -1.99 -14.28 9.94
N ARG A 361 -2.19 -14.17 11.26
CA ARG A 361 -1.13 -14.41 12.25
C ARG A 361 -0.72 -15.89 12.34
N SER A 362 -1.68 -16.81 12.13
CA SER A 362 -1.45 -18.24 12.32
C SER A 362 -0.65 -18.93 11.18
N ILE A 363 -0.60 -18.31 10.00
CA ILE A 363 0.08 -18.89 8.83
C ILE A 363 1.52 -18.41 8.65
N ASN A 364 2.31 -19.19 7.91
CA ASN A 364 3.68 -18.85 7.53
C ASN A 364 3.73 -18.37 6.06
N PRO A 365 4.84 -17.69 5.66
CA PRO A 365 4.97 -17.24 4.28
C PRO A 365 5.03 -18.38 3.23
N PRO A 366 4.71 -18.11 1.96
CA PRO A 366 4.32 -16.78 1.47
C PRO A 366 2.81 -16.51 1.57
N CYS A 367 2.45 -15.24 1.72
CA CYS A 367 1.06 -14.80 1.71
C CYS A 367 0.91 -13.46 0.99
N VAL A 368 -0.32 -13.15 0.56
CA VAL A 368 -0.69 -11.81 0.11
C VAL A 368 -1.81 -11.34 1.04
N PRO A 369 -1.50 -10.43 1.98
CA PRO A 369 -2.55 -9.95 2.89
C PRO A 369 -3.69 -9.19 2.19
N PHE A 370 -4.86 -9.18 2.83
CA PHE A 370 -6.01 -8.42 2.36
C PHE A 370 -5.68 -6.92 2.44
N PHE A 371 -5.59 -6.28 1.29
CA PHE A 371 -5.20 -4.87 1.23
C PHE A 371 -6.27 -3.92 1.74
N GLY A 372 -7.53 -4.21 1.43
CA GLY A 372 -8.66 -3.34 1.76
C GLY A 372 -8.81 -2.88 3.20
N ILE A 373 -8.41 -3.74 4.15
CA ILE A 373 -8.48 -3.42 5.58
C ILE A 373 -7.56 -2.25 5.98
N TYR A 374 -6.38 -2.17 5.36
CA TYR A 374 -5.41 -1.10 5.67
C TYR A 374 -5.93 0.27 5.24
N LEU A 375 -6.57 0.32 4.07
CA LEU A 375 -7.22 1.54 3.60
C LEU A 375 -8.41 1.96 4.47
N THR A 376 -9.20 0.98 4.91
CA THR A 376 -10.33 1.26 5.82
C THR A 376 -9.84 1.87 7.14
N ASN A 377 -8.85 1.25 7.76
CA ASN A 377 -8.28 1.73 9.02
C ASN A 377 -7.48 3.04 8.89
N ILE A 378 -6.80 3.24 7.76
CA ILE A 378 -6.10 4.51 7.50
C ILE A 378 -7.12 5.66 7.32
N LEU A 379 -8.19 5.42 6.57
CA LEU A 379 -9.26 6.42 6.42
C LEU A 379 -9.92 6.80 7.75
N LYS A 380 -10.13 5.82 8.63
CA LYS A 380 -10.70 6.07 9.96
C LYS A 380 -9.77 6.91 10.83
N THR A 381 -8.48 6.64 10.74
CA THR A 381 -7.47 7.44 11.44
C THR A 381 -7.39 8.87 10.89
N GLU A 382 -7.41 9.02 9.57
CA GLU A 382 -7.37 10.34 8.93
C GLU A 382 -8.62 11.16 9.27
N GLU A 383 -9.79 10.55 9.11
CA GLU A 383 -11.07 11.19 9.43
C GLU A 383 -11.32 11.35 10.93
N GLY A 384 -10.74 10.46 11.74
CA GLY A 384 -10.98 10.43 13.19
C GLY A 384 -10.10 11.32 14.05
N ASN A 385 -8.99 11.82 13.51
CA ASN A 385 -8.08 12.70 14.24
C ASN A 385 -7.92 14.03 13.49
N PRO A 386 -7.72 15.15 14.21
CA PRO A 386 -7.61 16.45 13.54
C PRO A 386 -6.20 16.71 13.01
N GLU A 387 -6.13 17.51 11.95
CA GLU A 387 -4.85 17.92 11.36
C GLU A 387 -3.97 18.69 12.34
N VAL A 388 -4.59 19.53 13.17
CA VAL A 388 -3.87 20.38 14.13
C VAL A 388 -4.41 20.29 15.55
N LEU A 389 -3.56 20.66 16.52
CA LEU A 389 -3.92 20.77 17.94
C LEU A 389 -3.66 22.20 18.42
N LYS A 390 -4.61 22.78 19.15
CA LYS A 390 -4.45 24.13 19.74
C LYS A 390 -3.87 24.04 21.15
N ARG A 391 -2.94 24.94 21.45
CA ARG A 391 -2.31 25.04 22.77
C ARG A 391 -1.75 26.44 22.94
N HIS A 392 -2.24 27.16 23.96
CA HIS A 392 -1.92 28.59 24.20
C HIS A 392 -2.24 29.49 22.99
N GLY A 393 -3.33 29.18 22.28
CA GLY A 393 -3.78 29.98 21.14
C GLY A 393 -2.88 29.93 19.91
N LYS A 394 -2.38 28.75 19.59
CA LYS A 394 -1.57 28.53 18.37
C LYS A 394 -1.72 27.09 17.86
N GLU A 395 -1.80 26.95 16.54
CA GLU A 395 -2.06 25.66 15.89
C GLU A 395 -0.78 24.85 15.64
N LEU A 396 -0.63 23.75 16.39
CA LEU A 396 0.47 22.81 16.23
C LEU A 396 0.07 21.65 15.31
N ILE A 397 1.03 21.13 14.55
CA ILE A 397 0.79 19.98 13.67
C ILE A 397 0.64 18.70 14.49
N ASN A 398 -0.41 17.91 14.20
CA ASN A 398 -0.71 16.68 14.93
C ASN A 398 0.16 15.54 14.40
N PHE A 399 1.31 15.32 15.02
CA PHE A 399 2.24 14.29 14.56
C PHE A 399 1.84 12.87 14.94
N SER A 400 1.17 12.72 16.09
CA SER A 400 0.63 11.42 16.50
C SER A 400 -0.31 10.82 15.46
N LYS A 401 -1.09 11.68 14.80
CA LYS A 401 -1.97 11.27 13.69
C LYS A 401 -1.17 10.63 12.55
N ARG A 402 -0.04 11.24 12.20
CA ARG A 402 0.82 10.73 11.13
C ARG A 402 1.50 9.42 11.53
N ARG A 403 2.08 9.38 12.74
CA ARG A 403 2.70 8.15 13.26
C ARG A 403 1.73 6.96 13.29
N LYS A 404 0.49 7.21 13.67
CA LYS A 404 -0.55 6.17 13.71
C LYS A 404 -0.81 5.60 12.32
N VAL A 405 -0.88 6.48 11.32
CA VAL A 405 -0.98 6.08 9.92
C VAL A 405 0.28 5.29 9.50
N ALA A 406 1.44 5.78 9.91
CA ALA A 406 2.72 5.13 9.63
C ALA A 406 2.86 3.75 10.28
N GLU A 407 2.26 3.58 11.47
CA GLU A 407 2.21 2.26 12.13
C GLU A 407 1.41 1.24 11.30
N ILE A 408 0.31 1.68 10.69
CA ILE A 408 -0.49 0.83 9.80
C ILE A 408 0.30 0.44 8.53
N THR A 409 1.05 1.38 7.96
CA THR A 409 1.90 1.09 6.79
C THR A 409 3.09 0.18 7.16
N GLY A 410 3.56 0.28 8.41
CA GLY A 410 4.53 -0.65 8.94
C GLY A 410 4.07 -2.10 8.91
N GLU A 411 2.80 -2.32 9.25
CA GLU A 411 2.19 -3.65 9.15
C GLU A 411 2.16 -4.16 7.71
N ILE A 412 1.89 -3.26 6.76
CA ILE A 412 1.91 -3.60 5.34
C ILE A 412 3.29 -4.13 4.92
N GLN A 413 4.33 -3.39 5.32
CA GLN A 413 5.71 -3.70 4.93
C GLN A 413 6.25 -5.04 5.44
N GLN A 414 5.78 -5.50 6.61
CA GLN A 414 6.27 -6.77 7.17
C GLN A 414 5.84 -8.02 6.36
N TYR A 415 4.85 -7.85 5.48
CA TYR A 415 4.45 -8.90 4.52
C TYR A 415 4.92 -8.68 3.08
N GLN A 416 5.89 -7.77 2.86
CA GLN A 416 6.32 -7.39 1.49
C GLN A 416 7.58 -8.12 0.97
N ASN A 417 8.17 -9.03 1.75
CA ASN A 417 9.32 -9.83 1.28
C ASN A 417 9.00 -11.33 1.35
N GLN A 418 7.99 -11.72 0.56
CA GLN A 418 7.47 -13.08 0.59
C GLN A 418 7.21 -13.63 -0.83
N PRO A 419 8.29 -13.89 -1.58
CA PRO A 419 8.12 -14.41 -2.95
C PRO A 419 7.50 -15.80 -3.00
N TYR A 420 6.68 -16.03 -4.02
CA TYR A 420 6.03 -17.32 -4.21
C TYR A 420 6.89 -18.23 -5.07
N CYS A 421 6.93 -19.51 -4.72
CA CYS A 421 7.57 -20.53 -5.55
C CYS A 421 6.55 -20.97 -6.61
N LEU A 422 6.35 -20.09 -7.59
CA LEU A 422 5.38 -20.29 -8.67
C LEU A 422 5.89 -19.66 -9.96
N ARG A 423 5.80 -20.42 -11.05
CA ARG A 423 6.32 -20.00 -12.35
C ARG A 423 5.37 -19.04 -13.04
N VAL A 424 5.89 -17.95 -13.59
CA VAL A 424 5.09 -16.97 -14.32
C VAL A 424 4.70 -17.53 -15.70
N GLU A 425 3.47 -17.23 -16.11
CA GLU A 425 3.00 -17.46 -17.47
C GLU A 425 2.67 -16.08 -18.02
N SER A 426 3.36 -15.68 -19.07
CA SER A 426 3.28 -14.30 -19.58
C SER A 426 1.94 -13.97 -20.21
N ASP A 427 1.38 -14.91 -20.96
CA ASP A 427 0.10 -14.71 -21.64
C ASP A 427 -1.08 -14.63 -20.66
N ILE A 428 -1.08 -15.49 -19.64
CA ILE A 428 -2.14 -15.48 -18.62
C ILE A 428 -2.00 -14.22 -17.75
N LYS A 429 -0.76 -13.88 -17.37
CA LYS A 429 -0.46 -12.62 -16.67
C LYS A 429 -0.99 -11.41 -17.44
N ARG A 430 -0.69 -11.38 -18.74
CA ARG A 430 -1.09 -10.27 -19.61
C ARG A 430 -2.62 -10.13 -19.66
N PHE A 431 -3.30 -11.28 -19.80
CA PHE A 431 -4.77 -11.34 -19.77
C PHE A 431 -5.36 -10.69 -18.53
N PHE A 432 -4.88 -11.10 -17.35
CA PHE A 432 -5.39 -10.54 -16.09
C PHE A 432 -4.93 -9.11 -15.81
N GLU A 433 -3.75 -8.73 -16.28
CA GLU A 433 -3.30 -7.32 -16.22
C GLU A 433 -4.12 -6.37 -17.09
N ASN A 434 -4.69 -6.88 -18.18
CA ASN A 434 -5.47 -6.08 -19.14
C ASN A 434 -6.98 -6.22 -19.01
N LEU A 435 -7.48 -6.72 -17.88
CA LEU A 435 -8.94 -6.83 -17.67
C LEU A 435 -9.57 -5.44 -17.73
N ASN A 436 -10.65 -5.33 -18.50
CA ASN A 436 -11.40 -4.08 -18.62
C ASN A 436 -12.89 -4.42 -18.74
N PRO A 437 -13.50 -4.98 -17.67
CA PRO A 437 -14.92 -5.34 -17.72
C PRO A 437 -15.86 -4.15 -17.93
N MET A 438 -15.51 -2.99 -17.36
CA MET A 438 -16.27 -1.77 -17.55
C MET A 438 -16.25 -1.24 -18.99
N GLY A 439 -15.26 -1.66 -19.78
CA GLY A 439 -15.18 -1.33 -21.20
C GLY A 439 -14.91 0.15 -21.38
N ASN A 440 -15.87 0.85 -21.99
CA ASN A 440 -15.85 2.31 -22.11
C ASN A 440 -16.78 3.01 -21.11
N SER A 441 -17.52 2.23 -20.30
CA SER A 441 -18.49 2.79 -19.35
C SER A 441 -17.83 3.34 -18.10
N MET A 442 -18.60 4.15 -17.37
CA MET A 442 -18.23 4.59 -16.03
C MET A 442 -18.63 3.51 -15.05
N GLU A 443 -18.02 3.50 -13.86
CA GLU A 443 -18.24 2.45 -12.87
C GLU A 443 -19.70 2.33 -12.47
N LYS A 444 -20.28 3.45 -12.05
CA LYS A 444 -21.69 3.52 -11.66
C LYS A 444 -22.61 3.02 -12.77
N GLU A 445 -22.31 3.44 -14.00
CA GLU A 445 -23.07 3.04 -15.19
C GLU A 445 -22.99 1.52 -15.41
N PHE A 446 -21.78 0.97 -15.28
CA PHE A 446 -21.55 -0.46 -15.46
C PHE A 446 -22.18 -1.32 -14.35
N THR A 447 -22.14 -0.86 -13.11
CA THR A 447 -22.76 -1.58 -11.99
C THR A 447 -24.29 -1.52 -12.04
N ASP A 448 -24.85 -0.41 -12.54
CA ASP A 448 -26.28 -0.34 -12.87
C ASP A 448 -26.65 -1.38 -13.92
N TYR A 449 -25.86 -1.45 -14.99
CA TYR A 449 -26.02 -2.48 -16.02
C TYR A 449 -25.97 -3.90 -15.41
N LEU A 450 -24.96 -4.16 -14.56
CA LEU A 450 -24.85 -5.48 -13.89
C LEU A 450 -26.12 -5.83 -13.09
N PHE A 451 -26.64 -4.88 -12.32
CA PHE A 451 -27.86 -5.10 -11.54
C PHE A 451 -29.11 -5.28 -12.42
N ASN A 452 -29.26 -4.46 -13.46
CA ASN A 452 -30.34 -4.65 -14.44
C ASN A 452 -30.26 -6.02 -15.12
N LYS A 453 -29.05 -6.41 -15.48
CA LYS A 453 -28.78 -7.76 -16.03
C LYS A 453 -29.13 -8.87 -15.03
N SER A 454 -28.86 -8.64 -13.74
CA SER A 454 -29.26 -9.57 -12.68
C SER A 454 -30.78 -9.73 -12.61
N LEU A 455 -31.50 -8.61 -12.63
CA LEU A 455 -32.96 -8.61 -12.64
C LEU A 455 -33.54 -9.34 -13.88
N GLU A 456 -32.89 -9.18 -15.02
CA GLU A 456 -33.30 -9.90 -16.24
C GLU A 456 -33.18 -11.42 -16.09
N ILE A 457 -32.02 -11.90 -15.68
CA ILE A 457 -31.75 -13.34 -15.61
C ILE A 457 -32.51 -14.06 -14.49
N GLU A 458 -32.68 -13.41 -13.34
CA GLU A 458 -33.52 -13.93 -12.26
C GLU A 458 -34.43 -12.81 -11.76
N PRO A 459 -35.64 -12.66 -12.36
CA PRO A 459 -36.60 -11.64 -11.92
C PRO A 459 -37.07 -11.82 -10.49
N ARG A 460 -37.39 -10.70 -9.83
CA ARG A 460 -37.97 -10.69 -8.48
C ARG A 460 -39.32 -11.39 -8.47
N ASN A 461 -39.69 -11.94 -7.32
CA ASN A 461 -41.01 -12.52 -7.13
C ASN A 461 -42.07 -11.39 -7.08
N PRO A 462 -43.29 -11.62 -7.59
CA PRO A 462 -43.79 -12.92 -8.04
C PRO A 462 -43.64 -13.22 -9.55
N LYS A 463 -42.75 -12.52 -10.26
CA LYS A 463 -42.55 -12.77 -11.69
C LYS A 463 -41.91 -14.14 -11.93
N PRO A 464 -42.24 -14.80 -13.06
CA PRO A 464 -41.68 -16.12 -13.35
C PRO A 464 -40.22 -16.07 -13.81
N LEU A 465 -39.55 -17.23 -13.72
CA LEU A 465 -38.15 -17.37 -14.12
C LEU A 465 -38.07 -17.95 -15.54
N PRO A 466 -37.68 -17.12 -16.54
CA PRO A 466 -37.55 -17.65 -17.90
C PRO A 466 -36.25 -18.44 -18.11
N ARG A 467 -36.28 -19.37 -19.06
CA ARG A 467 -35.10 -20.10 -19.48
C ARG A 467 -34.39 -19.32 -20.58
N PHE A 468 -33.06 -19.43 -20.62
CA PHE A 468 -32.21 -18.74 -21.58
C PHE A 468 -31.33 -19.76 -22.30
N PRO A 469 -30.97 -19.46 -23.57
CA PRO A 469 -30.10 -20.37 -24.32
C PRO A 469 -28.66 -20.42 -23.80
N LYS A 470 -27.97 -21.53 -24.10
CA LYS A 470 -26.55 -21.69 -23.74
C LYS A 470 -25.66 -20.80 -24.60
N LYS A 471 -24.68 -20.15 -23.97
CA LYS A 471 -23.67 -19.32 -24.65
C LYS A 471 -22.33 -20.03 -24.88
N TYR A 472 -22.06 -21.10 -24.11
CA TYR A 472 -20.77 -21.82 -24.20
C TYR A 472 -20.91 -23.09 -25.04
N SER A 473 -20.02 -23.25 -26.01
CA SER A 473 -19.99 -24.42 -26.91
C SER A 473 -19.02 -25.51 -26.45
N TYR A 474 -18.25 -25.23 -25.40
CA TYR A 474 -17.25 -26.16 -24.86
C TYR A 474 -17.76 -26.79 -23.55
N PRO A 475 -17.17 -27.93 -23.12
CA PRO A 475 -17.61 -28.56 -21.86
C PRO A 475 -17.35 -27.70 -20.61
N LEU A 476 -18.32 -27.68 -19.72
CA LEU A 476 -18.30 -26.84 -18.52
C LEU A 476 -17.79 -27.54 -17.27
N LYS A 477 -17.63 -28.87 -17.32
CA LYS A 477 -17.05 -29.61 -16.19
C LYS A 477 -15.63 -29.13 -15.89
N SER A 478 -15.42 -28.67 -14.65
CA SER A 478 -14.11 -28.22 -14.18
C SER A 478 -13.09 -29.37 -14.14
N PRO A 479 -11.79 -29.05 -14.34
CA PRO A 479 -10.73 -30.02 -14.11
C PRO A 479 -10.31 -30.19 -12.64
N GLY A 480 -10.93 -29.43 -11.73
CA GLY A 480 -10.68 -29.55 -10.29
C GLY A 480 -9.52 -28.70 -9.86
N VAL A 481 -9.23 -28.72 -8.56
CA VAL A 481 -8.14 -27.92 -7.96
C VAL A 481 -6.95 -28.76 -7.44
N ARG A 482 -6.97 -30.06 -7.71
CA ARG A 482 -5.84 -30.92 -7.37
C ARG A 482 -4.79 -30.84 -8.49
N PRO A 483 -3.57 -30.39 -8.18
CA PRO A 483 -2.53 -30.25 -9.21
C PRO A 483 -1.95 -31.58 -9.72
N SER A 484 -0.94 -31.50 -10.58
CA SER A 484 -0.26 -32.66 -11.18
C SER A 484 0.50 -33.53 -10.14
N ASN A 485 1.13 -34.60 -10.62
CA ASN A 485 1.81 -35.62 -9.80
C ASN A 485 0.83 -36.53 -9.03
N PRO A 486 0.19 -37.49 -9.73
CA PRO A 486 -0.64 -38.50 -9.04
C PRO A 486 0.21 -39.51 -8.26
#